data_3ZLD
#
_entry.id   3ZLD
#
_cell.length_a   49.370
_cell.length_b   124.180
_cell.length_c   171.910
_cell.angle_alpha   90.00
_cell.angle_beta   90.00
_cell.angle_gamma   90.00
#
_symmetry.space_group_name_H-M   'C 2 2 21'
#
loop_
_entity.id
_entity.type
_entity.pdbx_description
1 polymer 'APICAL MEMBRANE ANTIGEN 1'
2 polymer 'RHOPTRY NECK PROTEIN 2'
3 water water
#
loop_
_entity_poly.entity_id
_entity_poly.type
_entity_poly.pdbx_seq_one_letter_code
_entity_poly.pdbx_strand_id
1 'polypeptide(L)'
;GSAMGQNPWATTTAFADFMKRFNIPQVHGSGIFVDLGRDTEGYREVGGKCPVFGKAIQMHQPAEYSNNFLDDAPTSNDAS
KKPLPGGFNNPQVYTSGQKFSPIDDSLLQERLGTAGPKTAIGRCALYAYSTIAVNPSTNYTSTYKYPFVYDAVSRKCYVL
SVSAQLLKGEKYCSVNGTPSGLTWACFEPVKEKSSARALVYGSAFVAEGNPDAWQSACPNDAVKDALFGKWEDGQCVPFD
TKTSVQSDQATNKEECWKRVFANPLVASDAPTTYPEAAQKNWNDFWPVHEQSSPKSGGFGANWANFYLEKESGETICAIF
DQVPDCFAPITGAVAYTALGSSTEVNLPQCDSASFIPIEGPCNNCVQVVTECVGNQFDQTSKACCTEPEAAALVPR
;
A
2 'polypeptide(L)' GSASDIAQFLTDSGMKAIEDCSWNPIMQQMACVVVAGSGS B
#
# COMPACT_ATOMS: atom_id res chain seq x y z
N GLY A 5 0.86 -35.84 -3.10
CA GLY A 5 -0.03 -34.75 -2.58
C GLY A 5 0.61 -33.88 -1.52
N GLN A 6 1.83 -33.43 -1.79
CA GLN A 6 2.42 -32.37 -0.98
C GLN A 6 1.97 -31.04 -1.56
N ASN A 7 2.07 -29.97 -0.77
CA ASN A 7 1.66 -28.64 -1.19
C ASN A 7 2.75 -27.85 -1.95
N PRO A 8 2.50 -27.55 -3.22
CA PRO A 8 3.52 -26.95 -4.07
C PRO A 8 3.78 -25.48 -3.76
N TRP A 9 2.81 -24.84 -3.12
CA TRP A 9 2.93 -23.45 -2.71
C TRP A 9 3.88 -23.28 -1.53
N ALA A 10 3.93 -24.28 -0.66
CA ALA A 10 4.93 -24.35 0.39
C ALA A 10 6.24 -24.91 -0.16
N THR A 11 6.11 -25.92 -1.01
CA THR A 11 7.26 -26.67 -1.52
C THR A 11 8.12 -25.85 -2.50
N THR A 12 7.53 -25.47 -3.62
CA THR A 12 8.30 -25.12 -4.79
C THR A 12 8.63 -23.64 -4.91
N THR A 13 9.87 -23.38 -5.31
CA THR A 13 10.44 -22.06 -5.23
C THR A 13 9.56 -21.02 -5.89
N ALA A 14 9.06 -21.33 -7.08
CA ALA A 14 8.23 -20.37 -7.81
C ALA A 14 6.91 -20.10 -7.07
N PHE A 15 6.32 -21.17 -6.58
CA PHE A 15 5.01 -21.07 -5.96
C PHE A 15 5.15 -20.53 -4.57
N ALA A 16 6.13 -21.04 -3.81
CA ALA A 16 6.41 -20.53 -2.46
C ALA A 16 6.68 -19.01 -2.46
N ASP A 17 7.58 -18.57 -3.34
CA ASP A 17 7.94 -17.16 -3.42
C ASP A 17 6.70 -16.28 -3.57
N PHE A 18 5.74 -16.76 -4.33
CA PHE A 18 4.51 -16.02 -4.60
C PHE A 18 3.63 -16.04 -3.36
N MET A 19 3.32 -17.22 -2.89
CA MET A 19 2.46 -17.41 -1.74
C MET A 19 2.99 -16.73 -0.48
N LYS A 20 4.31 -16.66 -0.32
CA LYS A 20 4.93 -15.89 0.76
C LYS A 20 4.41 -14.45 0.85
N ARG A 21 4.13 -13.81 -0.30
CA ARG A 21 3.67 -12.39 -0.33
C ARG A 21 2.35 -12.23 0.37
N PHE A 22 1.64 -13.32 0.61
CA PHE A 22 0.29 -13.21 1.08
C PHE A 22 0.16 -13.55 2.56
N ASN A 23 1.29 -13.71 3.21
CA ASN A 23 1.38 -13.52 4.67
C ASN A 23 1.65 -12.06 5.03
N ILE A 24 0.59 -11.29 5.17
CA ILE A 24 0.68 -9.87 5.42
C ILE A 24 1.35 -9.56 6.74
N PRO A 25 0.88 -10.16 7.85
CA PRO A 25 1.60 -9.93 9.09
C PRO A 25 3.12 -10.09 8.95
N GLN A 26 3.59 -11.12 8.26
CA GLN A 26 5.04 -11.33 8.13
C GLN A 26 5.75 -10.38 7.15
N VAL A 27 5.10 -10.02 6.06
CA VAL A 27 5.76 -9.25 5.01
C VAL A 27 5.47 -7.76 5.16
N HIS A 28 4.40 -7.42 5.85
CA HIS A 28 4.06 -6.01 6.06
C HIS A 28 4.23 -5.64 7.52
N GLY A 29 3.51 -6.34 8.39
CA GLY A 29 3.74 -6.26 9.82
C GLY A 29 3.25 -4.98 10.45
N SER A 30 2.11 -4.51 9.99
CA SER A 30 1.53 -3.30 10.55
C SER A 30 0.12 -3.11 10.07
N GLY A 31 -0.54 -2.09 10.61
CA GLY A 31 -1.85 -1.71 10.14
C GLY A 31 -1.77 -1.34 8.68
N ILE A 32 -2.79 -1.72 7.92
CA ILE A 32 -2.91 -1.36 6.52
C ILE A 32 -3.77 -0.12 6.37
N PHE A 33 -5.00 -0.20 6.87
CA PHE A 33 -5.96 0.89 6.76
C PHE A 33 -5.38 2.16 7.33
N VAL A 34 -4.96 2.07 8.60
CA VAL A 34 -4.11 3.06 9.21
C VAL A 34 -2.83 2.33 9.61
N ASP A 35 -1.70 2.85 9.15
CA ASP A 35 -0.39 2.29 9.48
C ASP A 35 0.27 3.21 10.48
N LEU A 36 0.20 2.85 11.76
CA LEU A 36 0.92 3.57 12.81
C LEU A 36 1.75 2.57 13.67
N GLY A 37 2.56 1.77 12.95
CA GLY A 37 3.16 0.56 13.48
C GLY A 37 4.27 0.78 14.49
N ARG A 38 4.96 1.90 14.36
CA ARG A 38 6.09 2.24 15.24
C ARG A 38 5.76 3.47 16.08
N ASP A 39 6.65 3.75 17.03
CA ASP A 39 6.63 4.99 17.81
C ASP A 39 8.06 5.53 17.96
N THR A 40 8.20 6.84 17.82
CA THR A 40 9.51 7.49 17.87
C THR A 40 9.46 8.85 18.54
N GLU A 41 10.38 9.06 19.47
CA GLU A 41 10.51 10.32 20.16
C GLU A 41 9.22 10.72 20.83
N GLY A 42 8.40 9.75 21.20
CA GLY A 42 7.12 10.02 21.83
C GLY A 42 6.00 10.33 20.85
N TYR A 43 6.19 9.92 19.58
CA TYR A 43 5.13 10.02 18.57
C TYR A 43 4.86 8.70 17.89
N ARG A 44 3.75 8.64 17.18
CA ARG A 44 3.40 7.48 16.38
C ARG A 44 3.89 7.66 14.95
N GLU A 45 4.33 6.57 14.34
CA GLU A 45 5.08 6.62 13.08
C GLU A 45 4.55 5.58 12.15
N VAL A 46 4.42 5.96 10.89
CA VAL A 46 4.07 5.03 9.86
C VAL A 46 5.27 4.10 9.70
N GLY A 47 5.03 2.79 9.84
CA GLY A 47 6.12 1.80 9.89
C GLY A 47 6.07 0.64 8.88
N GLY A 48 4.94 0.39 8.25
CA GLY A 48 4.72 -0.85 7.46
C GLY A 48 5.67 -1.14 6.29
N LYS A 49 6.13 -2.38 6.21
CA LYS A 49 7.15 -2.79 5.23
C LYS A 49 6.71 -2.78 3.73
N CYS A 50 5.46 -3.10 3.45
CA CYS A 50 4.94 -3.08 2.09
C CYS A 50 4.24 -1.80 1.74
N PRO A 51 4.42 -1.35 0.49
CA PRO A 51 3.72 -0.18 -0.01
C PRO A 51 2.28 -0.54 -0.31
N VAL A 52 1.40 0.46 -0.29
CA VAL A 52 -0.06 0.27 -0.40
C VAL A 52 -0.67 0.97 -1.60
N PHE A 53 -1.33 0.20 -2.45
CA PHE A 53 -1.67 0.68 -3.77
C PHE A 53 -3.10 1.17 -3.86
N GLY A 54 -3.26 2.44 -4.19
CA GLY A 54 -4.59 3.05 -4.34
C GLY A 54 -5.00 3.83 -3.11
N LYS A 55 -4.18 3.78 -2.07
CA LYS A 55 -4.55 4.42 -0.82
C LYS A 55 -4.49 5.93 -1.01
N ALA A 56 -5.55 6.59 -0.53
CA ALA A 56 -5.57 8.03 -0.49
C ALA A 56 -6.38 8.48 0.70
N ILE A 57 -6.18 9.74 1.08
CA ILE A 57 -6.89 10.34 2.19
C ILE A 57 -8.03 11.20 1.64
N GLN A 58 -9.25 10.75 1.84
CA GLN A 58 -10.43 11.58 1.61
C GLN A 58 -10.51 12.61 2.75
N MET A 59 -10.78 13.87 2.40
CA MET A 59 -10.93 14.92 3.41
C MET A 59 -12.29 15.51 3.39
N HIS A 60 -12.63 16.21 4.46
CA HIS A 60 -13.97 16.81 4.59
C HIS A 60 -13.87 18.26 5.00
N GLN A 61 -12.99 18.99 4.31
CA GLN A 61 -12.98 20.42 4.37
C GLN A 61 -14.16 20.86 3.54
N PRO A 62 -14.67 22.05 3.79
CA PRO A 62 -15.77 22.63 3.04
C PRO A 62 -15.48 22.73 1.56
N ALA A 63 -16.54 22.84 0.76
CA ALA A 63 -16.43 22.83 -0.72
C ALA A 63 -15.47 23.88 -1.33
N GLU A 64 -15.54 25.11 -0.82
CA GLU A 64 -14.58 26.16 -1.19
C GLU A 64 -13.12 25.69 -1.10
N TYR A 65 -12.83 24.80 -0.14
CA TYR A 65 -11.50 24.25 0.02
C TYR A 65 -11.25 23.25 -1.09
N SER A 66 -9.99 23.11 -1.49
CA SER A 66 -9.65 22.21 -2.60
C SER A 66 -9.77 20.76 -2.22
N ASN A 67 -9.69 20.47 -0.94
CA ASN A 67 -9.92 19.12 -0.47
C ASN A 67 -9.04 18.06 -1.14
N ASN A 68 -7.77 18.40 -1.39
CA ASN A 68 -6.79 17.42 -1.80
C ASN A 68 -5.73 17.28 -0.72
N PHE A 69 -5.43 16.04 -0.34
CA PHE A 69 -4.47 15.79 0.74
C PHE A 69 -3.01 15.87 0.27
N LEU A 70 -2.81 16.05 -1.02
CA LEU A 70 -1.46 16.21 -1.56
C LEU A 70 -1.11 17.67 -1.68
N ASP A 71 -2.05 18.53 -1.34
CA ASP A 71 -1.77 19.95 -1.23
C ASP A 71 -0.74 20.22 -0.15
N ASP A 72 0.02 21.28 -0.36
CA ASP A 72 0.94 21.75 0.64
C ASP A 72 0.20 21.83 1.96
N ALA A 73 0.71 21.13 2.96
CA ALA A 73 0.16 21.17 4.31
C ALA A 73 0.12 22.61 4.82
N PRO A 74 -0.80 22.91 5.76
CA PRO A 74 -1.02 24.30 6.18
C PRO A 74 0.23 24.90 6.79
N THR A 75 0.67 26.02 6.23
CA THR A 75 2.02 26.53 6.47
C THR A 75 2.19 27.23 7.85
N SER A 76 1.38 28.25 8.12
CA SER A 76 1.38 28.93 9.44
C SER A 76 -0.01 28.83 10.09
N ASN A 77 -0.10 28.12 11.23
CA ASN A 77 -1.42 27.83 11.87
C ASN A 77 -2.35 29.06 11.96
N ASP A 78 -3.31 29.09 11.06
CA ASP A 78 -4.05 30.29 10.79
C ASP A 78 -5.21 30.46 11.78
N ALA A 79 -5.44 31.70 12.22
CA ALA A 79 -6.52 32.03 13.14
C ALA A 79 -7.88 32.09 12.42
N SER A 80 -7.99 32.95 11.40
CA SER A 80 -9.27 33.09 10.65
C SER A 80 -9.62 31.79 9.90
N LYS A 81 -8.69 30.84 9.90
CA LYS A 81 -8.89 29.52 9.29
C LYS A 81 -9.34 28.47 10.27
N LYS A 82 -10.58 28.03 10.11
CA LYS A 82 -11.11 26.90 10.83
C LYS A 82 -12.22 26.28 9.93
N PRO A 83 -11.92 25.16 9.29
CA PRO A 83 -10.75 24.35 9.53
C PRO A 83 -9.55 24.82 8.74
N LEU A 84 -8.39 24.25 9.06
CA LEU A 84 -7.14 24.71 8.52
C LEU A 84 -6.99 24.12 7.14
N PRO A 85 -6.79 24.99 6.14
CA PRO A 85 -6.72 24.64 4.73
C PRO A 85 -5.39 24.02 4.29
N GLY A 86 -5.47 23.08 3.36
CA GLY A 86 -4.30 22.56 2.69
C GLY A 86 -4.44 21.07 2.45
N GLY A 87 -3.37 20.36 2.75
CA GLY A 87 -3.31 18.94 2.56
C GLY A 87 -2.25 18.42 3.48
N PHE A 88 -1.53 17.41 3.03
CA PHE A 88 -0.57 16.72 3.86
C PHE A 88 0.88 16.88 3.37
N ASN A 89 1.07 17.36 2.16
CA ASN A 89 2.40 17.39 1.55
C ASN A 89 3.33 18.36 2.28
N ASN A 90 4.53 17.91 2.58
CA ASN A 90 5.53 18.72 3.25
C ASN A 90 5.72 20.05 2.47
N PRO A 91 5.63 21.20 3.15
CA PRO A 91 5.58 22.49 2.48
C PRO A 91 6.90 23.25 2.51
N GLN A 92 7.97 22.58 2.91
CA GLN A 92 9.27 23.23 3.09
C GLN A 92 9.95 23.47 1.75
N VAL A 93 10.88 24.43 1.73
CA VAL A 93 11.61 24.78 0.50
C VAL A 93 13.09 24.64 0.66
N TYR A 94 13.74 24.24 -0.42
CA TYR A 94 15.19 24.16 -0.46
C TYR A 94 15.80 25.56 -0.55
N THR A 95 17.10 25.67 -0.28
CA THR A 95 17.83 26.93 -0.47
C THR A 95 17.76 27.33 -1.94
N SER A 96 17.84 26.32 -2.81
CA SER A 96 17.69 26.51 -4.24
C SER A 96 16.46 27.30 -4.58
N GLY A 97 15.48 27.30 -3.68
CA GLY A 97 14.17 27.89 -3.95
C GLY A 97 13.23 26.84 -4.50
N GLN A 98 13.67 25.58 -4.45
CA GLN A 98 12.91 24.47 -4.98
C GLN A 98 12.16 23.78 -3.85
N LYS A 99 10.93 23.37 -4.13
CA LYS A 99 10.05 22.78 -3.13
C LYS A 99 10.55 21.44 -2.70
N PHE A 100 10.58 21.22 -1.39
CA PHE A 100 11.03 19.96 -0.87
C PHE A 100 10.20 18.80 -1.43
N SER A 101 8.88 18.97 -1.45
CA SER A 101 8.01 17.97 -2.02
C SER A 101 6.93 18.66 -2.81
N PRO A 102 6.46 18.02 -3.89
CA PRO A 102 6.96 16.77 -4.41
C PRO A 102 8.12 16.99 -5.31
N ILE A 103 8.78 15.90 -5.65
CA ILE A 103 9.93 15.93 -6.50
C ILE A 103 9.58 15.04 -7.66
N ASP A 104 10.20 15.27 -8.81
CA ASP A 104 10.04 14.35 -9.94
C ASP A 104 10.78 13.05 -9.66
N ASP A 105 10.35 11.98 -10.30
CA ASP A 105 11.08 10.74 -10.28
C ASP A 105 12.30 10.85 -11.20
N SER A 106 12.21 11.70 -12.22
CA SER A 106 13.35 12.03 -13.07
C SER A 106 14.45 12.56 -12.19
N LEU A 107 14.14 13.65 -11.48
CA LEU A 107 15.11 14.33 -10.66
C LEU A 107 15.81 13.34 -9.75
N LEU A 108 15.04 12.38 -9.23
CA LEU A 108 15.58 11.42 -8.30
C LEU A 108 16.68 10.62 -8.94
N GLN A 109 16.38 9.97 -10.06
CA GLN A 109 17.33 9.05 -10.71
C GLN A 109 18.65 9.71 -11.05
N GLU A 110 18.59 10.89 -11.66
CA GLU A 110 19.79 11.62 -12.03
C GLU A 110 20.69 11.86 -10.79
N ARG A 111 20.11 12.33 -9.70
CA ARG A 111 20.88 12.58 -8.49
C ARG A 111 21.23 11.31 -7.74
N LEU A 112 20.35 10.32 -7.82
CA LEU A 112 20.59 9.03 -7.13
C LEU A 112 21.63 8.23 -7.92
N GLY A 113 21.36 8.03 -9.20
CA GLY A 113 22.30 7.35 -10.09
C GLY A 113 22.19 5.83 -10.09
N THR A 114 23.31 5.18 -10.39
CA THR A 114 23.38 3.73 -10.59
C THR A 114 23.28 2.98 -9.28
N ALA A 115 23.93 3.53 -8.26
CA ALA A 115 23.93 2.93 -6.93
C ALA A 115 22.52 2.91 -6.31
N GLY A 116 21.69 3.86 -6.72
CA GLY A 116 20.36 3.98 -6.16
C GLY A 116 19.38 2.92 -6.62
N PRO A 117 18.18 2.89 -5.98
CA PRO A 117 17.19 1.85 -6.22
C PRO A 117 16.62 1.87 -7.62
N LYS A 118 16.21 0.71 -8.10
CA LYS A 118 15.70 0.55 -9.44
C LYS A 118 14.27 1.03 -9.52
N THR A 119 13.39 0.47 -8.70
CA THR A 119 12.00 0.92 -8.67
C THR A 119 11.86 2.40 -8.26
N ALA A 120 10.89 3.08 -8.85
CA ALA A 120 10.66 4.49 -8.57
C ALA A 120 10.04 4.65 -7.18
N ILE A 121 9.27 3.64 -6.77
CA ILE A 121 8.74 3.52 -5.40
C ILE A 121 9.88 3.39 -4.40
N GLY A 122 10.78 2.44 -4.64
CA GLY A 122 12.02 2.38 -3.91
C GLY A 122 12.65 3.76 -3.81
N ARG A 123 12.79 4.42 -4.97
CA ARG A 123 13.43 5.73 -5.05
C ARG A 123 12.76 6.79 -4.16
N CYS A 124 11.43 6.76 -4.09
CA CYS A 124 10.67 7.77 -3.38
C CYS A 124 10.61 7.45 -1.89
N ALA A 125 10.49 6.19 -1.57
CA ALA A 125 10.60 5.78 -0.19
C ALA A 125 11.95 6.26 0.38
N LEU A 126 13.00 6.13 -0.41
CA LEU A 126 14.32 6.48 0.04
C LEU A 126 14.48 7.97 0.22
N TYR A 127 13.82 8.73 -0.63
CA TYR A 127 13.73 10.19 -0.44
C TYR A 127 13.25 10.49 0.96
N ALA A 128 12.08 9.95 1.28
CA ALA A 128 11.50 10.07 2.61
C ALA A 128 12.45 9.61 3.69
N TYR A 129 12.94 8.39 3.57
CA TYR A 129 13.87 7.85 4.55
C TYR A 129 15.10 8.75 4.71
N SER A 130 15.71 9.13 3.57
CA SER A 130 16.90 10.01 3.57
C SER A 130 16.75 11.28 4.41
N THR A 131 15.53 11.80 4.45
CA THR A 131 15.23 13.09 5.08
C THR A 131 15.41 13.14 6.61
N ILE A 132 16.20 14.12 7.07
CA ILE A 132 16.36 14.39 8.48
C ILE A 132 15.73 15.72 8.86
N ALA A 133 14.87 15.68 9.88
CA ALA A 133 14.26 16.89 10.40
C ALA A 133 15.27 17.58 11.30
N VAL A 134 15.39 18.90 11.15
CA VAL A 134 16.41 19.68 11.85
C VAL A 134 15.84 20.95 12.46
N ASN A 135 16.38 21.34 13.61
CA ASN A 135 16.12 22.66 14.17
C ASN A 135 17.29 23.59 13.86
N PRO A 136 17.03 24.70 13.12
CA PRO A 136 18.09 25.70 12.84
C PRO A 136 18.69 26.28 14.12
N SER A 137 17.82 26.73 15.03
CA SER A 137 18.20 26.96 16.40
C SER A 137 18.65 25.64 17.04
N THR A 138 19.50 25.72 18.07
CA THR A 138 19.67 24.59 18.97
C THR A 138 19.96 23.34 18.19
N ASN A 139 20.85 23.44 17.21
CA ASN A 139 20.90 22.45 16.12
C ASN A 139 20.55 21.05 16.61
N TYR A 140 19.37 20.58 16.20
CA TYR A 140 18.79 19.35 16.71
C TYR A 140 18.27 18.56 15.56
N THR A 141 18.45 17.25 15.61
CA THR A 141 17.96 16.38 14.59
C THR A 141 16.98 15.37 15.17
N SER A 142 16.19 14.77 14.29
CA SER A 142 15.21 13.77 14.67
C SER A 142 15.45 12.52 13.83
N THR A 143 15.20 11.34 14.41
CA THR A 143 15.15 10.09 13.63
C THR A 143 13.76 9.82 13.09
N TYR A 144 12.80 10.70 13.41
CA TYR A 144 11.40 10.49 12.98
C TYR A 144 11.26 10.63 11.46
N LYS A 145 10.62 9.62 10.84
CA LYS A 145 10.48 9.56 9.38
C LYS A 145 9.01 9.62 8.98
N TYR A 146 8.74 10.20 7.82
CA TYR A 146 7.39 10.46 7.41
C TYR A 146 7.03 9.60 6.18
N PRO A 147 5.72 9.31 5.99
CA PRO A 147 5.33 8.46 4.90
C PRO A 147 5.35 9.23 3.63
N PHE A 148 5.80 8.57 2.57
CA PHE A 148 5.70 9.09 1.22
C PHE A 148 4.41 8.62 0.56
N VAL A 149 3.90 9.41 -0.38
CA VAL A 149 2.98 8.90 -1.37
C VAL A 149 3.57 9.12 -2.76
N TYR A 150 3.50 8.08 -3.60
CA TYR A 150 4.04 8.14 -4.97
C TYR A 150 2.94 8.13 -6.01
N ASP A 151 2.85 9.19 -6.82
CA ASP A 151 1.89 9.19 -7.92
C ASP A 151 2.49 8.53 -9.16
N ALA A 152 2.01 7.33 -9.46
CA ALA A 152 2.46 6.55 -10.62
C ALA A 152 2.06 7.12 -11.99
N VAL A 153 1.01 7.94 -12.04
CA VAL A 153 0.60 8.53 -13.32
C VAL A 153 1.66 9.47 -13.78
N SER A 154 1.90 10.48 -12.94
CA SER A 154 2.73 11.62 -13.27
C SER A 154 4.19 11.39 -12.90
N ARG A 155 4.45 10.34 -12.13
CA ARG A 155 5.81 10.02 -11.72
C ARG A 155 6.40 11.04 -10.73
N LYS A 156 5.58 11.57 -9.83
CA LYS A 156 6.09 12.42 -8.75
C LYS A 156 6.15 11.68 -7.42
N CYS A 157 7.21 11.95 -6.68
CA CYS A 157 7.34 11.49 -5.33
C CYS A 157 6.92 12.59 -4.37
N TYR A 158 5.90 12.33 -3.55
CA TYR A 158 5.53 13.26 -2.44
C TYR A 158 5.99 12.73 -1.08
N VAL A 159 6.67 13.56 -0.32
CA VAL A 159 6.81 13.28 1.09
C VAL A 159 5.78 14.09 1.87
N LEU A 160 5.02 13.39 2.71
CA LEU A 160 4.04 14.01 3.58
C LEU A 160 4.71 14.46 4.85
N SER A 161 4.03 15.34 5.55
CA SER A 161 4.41 15.75 6.87
C SER A 161 3.25 15.49 7.76
N VAL A 162 2.32 14.65 7.31
CA VAL A 162 1.20 14.25 8.13
C VAL A 162 1.06 12.70 8.11
N SER A 163 1.54 12.12 9.21
CA SER A 163 1.49 10.70 9.46
C SER A 163 0.10 10.26 9.87
N ALA A 164 -0.76 11.20 10.22
CA ALA A 164 -2.13 10.88 10.48
C ALA A 164 -2.71 10.24 9.25
N GLN A 165 -3.70 9.38 9.42
CA GLN A 165 -4.42 8.77 8.28
C GLN A 165 -5.95 8.78 8.47
N LEU A 166 -6.40 8.76 9.74
CA LEU A 166 -7.83 8.85 10.08
C LEU A 166 -8.19 9.84 11.23
N LEU A 167 -9.15 10.71 10.99
CA LEU A 167 -9.61 11.63 12.01
C LEU A 167 -11.13 11.66 11.96
N LYS A 168 -11.76 11.30 13.08
CA LYS A 168 -13.19 10.99 13.08
C LYS A 168 -13.82 11.52 14.37
N GLY A 169 -14.90 12.27 14.26
CA GLY A 169 -15.66 12.66 15.44
C GLY A 169 -15.59 14.10 15.87
N GLU A 170 -16.77 14.65 16.14
CA GLU A 170 -16.95 16.09 16.26
C GLU A 170 -16.33 16.72 17.50
N LYS A 171 -15.86 15.90 18.44
CA LYS A 171 -14.94 16.44 19.42
C LYS A 171 -13.64 16.89 18.76
N TYR A 172 -13.21 16.21 17.68
CA TYR A 172 -11.86 16.42 17.14
C TYR A 172 -11.81 17.06 15.75
N CYS A 173 -12.70 16.67 14.85
CA CYS A 173 -12.69 17.29 13.55
C CYS A 173 -14.05 17.79 13.01
N SER A 174 -13.94 18.66 12.01
CA SER A 174 -15.10 19.17 11.29
C SER A 174 -15.34 18.44 9.95
N VAL A 175 -16.56 17.92 9.80
CA VAL A 175 -17.05 17.36 8.57
C VAL A 175 -17.75 18.42 7.79
N ASN A 176 -17.16 18.85 6.68
CA ASN A 176 -17.86 19.65 5.72
C ASN A 176 -18.20 21.03 6.32
N GLY A 177 -17.25 21.61 7.05
CA GLY A 177 -17.47 22.88 7.73
C GLY A 177 -18.13 22.77 9.11
N THR A 178 -18.63 21.59 9.45
CA THR A 178 -19.41 21.43 10.69
C THR A 178 -18.88 20.37 11.65
N PRO A 179 -18.83 20.70 12.96
CA PRO A 179 -19.09 21.99 13.59
C PRO A 179 -18.00 22.98 13.27
N SER A 180 -18.37 24.11 12.69
CA SER A 180 -17.40 25.17 12.49
C SER A 180 -16.91 25.62 13.86
N GLY A 181 -15.63 25.99 13.90
CA GLY A 181 -14.96 26.37 15.13
C GLY A 181 -13.65 25.60 15.22
N LEU A 182 -13.69 24.36 14.72
CA LEU A 182 -12.63 23.39 14.95
C LEU A 182 -11.52 23.52 13.92
N THR A 183 -10.28 23.34 14.37
CA THR A 183 -9.12 23.57 13.52
C THR A 183 -8.99 22.48 12.48
N TRP A 184 -9.14 21.21 12.86
CA TRP A 184 -8.93 20.10 11.92
C TRP A 184 -10.18 19.62 11.23
N ALA A 185 -10.06 19.33 9.95
CA ALA A 185 -11.17 18.78 9.17
C ALA A 185 -11.00 17.28 9.16
N CYS A 186 -12.11 16.54 9.10
CA CYS A 186 -12.04 15.09 9.20
C CYS A 186 -11.40 14.49 7.96
N PHE A 187 -10.70 13.37 8.15
CA PHE A 187 -10.16 12.60 7.03
C PHE A 187 -10.11 11.11 7.30
N GLU A 188 -10.20 10.31 6.24
CA GLU A 188 -10.12 8.86 6.34
C GLU A 188 -9.53 8.28 5.07
N PRO A 189 -8.85 7.13 5.17
CA PRO A 189 -8.24 6.53 4.00
C PRO A 189 -9.25 5.80 3.10
N VAL A 190 -8.91 5.67 1.83
CA VAL A 190 -9.82 5.11 0.86
C VAL A 190 -9.00 4.65 -0.29
N LYS A 191 -9.37 3.51 -0.84
CA LYS A 191 -8.69 3.00 -2.02
C LYS A 191 -9.43 3.65 -3.17
N GLU A 192 -8.69 4.30 -4.08
CA GLU A 192 -9.29 5.08 -5.19
C GLU A 192 -8.64 4.71 -6.48
N LYS A 193 -9.44 4.63 -7.54
CA LYS A 193 -8.94 4.20 -8.83
C LYS A 193 -9.31 5.19 -9.91
N SER A 194 -8.85 6.42 -9.74
CA SER A 194 -8.94 7.41 -10.80
C SER A 194 -8.01 7.05 -11.96
N SER A 195 -8.25 7.63 -13.12
CA SER A 195 -7.30 7.51 -14.21
C SER A 195 -6.33 8.70 -14.25
N ALA A 196 -6.61 9.71 -13.42
CA ALA A 196 -5.90 11.01 -13.46
C ALA A 196 -4.70 11.06 -12.49
N ARG A 197 -4.85 10.40 -11.32
CA ARG A 197 -3.73 10.12 -10.42
C ARG A 197 -3.76 8.67 -9.98
N ALA A 198 -2.58 8.09 -9.77
CA ALA A 198 -2.44 6.67 -9.41
C ALA A 198 -1.52 6.51 -8.21
N LEU A 199 -2.10 6.56 -7.01
CA LEU A 199 -1.33 6.77 -5.79
C LEU A 199 -0.86 5.49 -5.11
N VAL A 200 0.31 5.57 -4.51
CA VAL A 200 0.82 4.51 -3.66
C VAL A 200 1.39 5.13 -2.38
N TYR A 201 0.80 4.73 -1.27
CA TYR A 201 1.12 5.26 0.03
C TYR A 201 2.01 4.25 0.72
N GLY A 202 3.09 4.71 1.35
CA GLY A 202 3.94 3.81 2.07
C GLY A 202 4.64 4.45 3.24
N SER A 203 5.11 3.60 4.13
CA SER A 203 6.00 3.99 5.22
C SER A 203 7.33 4.37 4.63
N ALA A 204 8.15 5.10 5.35
CA ALA A 204 9.49 5.40 4.85
C ALA A 204 10.40 4.25 5.12
N PHE A 205 9.90 3.24 5.83
CA PHE A 205 10.68 2.01 6.16
C PHE A 205 10.67 0.94 5.09
N VAL A 206 10.01 1.23 3.97
CA VAL A 206 10.10 0.41 2.79
C VAL A 206 11.51 0.54 2.28
N ALA A 207 12.13 1.67 2.60
CA ALA A 207 13.44 2.05 2.06
C ALA A 207 14.56 1.56 2.93
N GLU A 208 14.23 1.11 4.14
CA GLU A 208 15.22 0.60 5.09
C GLU A 208 15.70 -0.76 4.62
N GLY A 209 17.00 -0.96 4.61
CA GLY A 209 17.56 -2.15 3.98
C GLY A 209 17.67 -1.99 2.47
N ASN A 210 16.96 -2.85 1.73
CA ASN A 210 16.93 -2.75 0.27
C ASN A 210 15.60 -2.14 -0.24
N PRO A 211 15.66 -0.94 -0.83
CA PRO A 211 14.42 -0.25 -1.18
C PRO A 211 13.60 -0.91 -2.26
N ASP A 212 14.21 -1.73 -3.11
CA ASP A 212 13.46 -2.43 -4.20
C ASP A 212 12.87 -3.78 -3.77
N ALA A 213 12.93 -4.10 -2.47
CA ALA A 213 12.58 -5.42 -1.99
C ALA A 213 11.09 -5.72 -2.13
N TRP A 214 10.25 -4.73 -1.83
CA TRP A 214 8.76 -4.84 -1.98
C TRP A 214 8.32 -5.59 -3.24
N GLN A 215 9.04 -5.35 -4.33
CA GLN A 215 8.65 -5.82 -5.64
C GLN A 215 8.59 -7.31 -5.63
N SER A 216 9.60 -7.91 -5.03
CA SER A 216 9.73 -9.35 -4.99
C SER A 216 8.98 -9.90 -3.80
N ALA A 217 8.68 -9.04 -2.84
CA ALA A 217 8.39 -9.47 -1.48
C ALA A 217 6.95 -9.28 -0.99
N CYS A 218 6.18 -8.45 -1.69
CA CYS A 218 4.89 -7.97 -1.17
C CYS A 218 3.77 -8.29 -2.11
N PRO A 219 2.52 -8.35 -1.59
CA PRO A 219 1.33 -8.69 -2.36
C PRO A 219 0.85 -7.51 -3.18
N ASN A 220 1.73 -7.04 -4.06
CA ASN A 220 1.54 -5.80 -4.78
C ASN A 220 0.31 -5.76 -5.68
N ASP A 221 -0.06 -6.89 -6.27
CA ASP A 221 -1.12 -6.93 -7.28
C ASP A 221 -2.27 -7.84 -6.92
N ALA A 222 -3.40 -7.58 -7.54
CA ALA A 222 -4.52 -8.49 -7.48
C ALA A 222 -4.17 -9.71 -8.32
N VAL A 223 -4.76 -10.86 -8.02
CA VAL A 223 -4.53 -12.06 -8.83
C VAL A 223 -5.78 -12.43 -9.60
N LYS A 224 -5.64 -12.70 -10.91
CA LYS A 224 -6.79 -13.13 -11.69
C LYS A 224 -6.90 -14.63 -11.74
N ASP A 225 -8.15 -15.08 -11.83
CA ASP A 225 -8.47 -16.48 -12.06
C ASP A 225 -8.01 -17.41 -10.93
N ALA A 226 -8.14 -16.94 -9.68
CA ALA A 226 -7.67 -17.68 -8.52
C ALA A 226 -8.40 -17.28 -7.24
N LEU A 227 -8.37 -18.17 -6.25
CA LEU A 227 -9.01 -17.94 -4.96
C LEU A 227 -8.12 -18.36 -3.79
N PHE A 228 -7.98 -17.47 -2.80
CA PHE A 228 -7.19 -17.77 -1.63
C PHE A 228 -7.73 -19.05 -1.01
N GLY A 229 -6.83 -19.88 -0.53
CA GLY A 229 -7.26 -21.04 0.21
C GLY A 229 -6.19 -21.68 1.06
N LYS A 230 -6.65 -22.45 2.04
CA LYS A 230 -5.85 -23.41 2.76
C LYS A 230 -5.79 -24.72 2.00
N TRP A 231 -4.77 -25.51 2.31
CA TRP A 231 -4.45 -26.73 1.58
C TRP A 231 -4.87 -27.93 2.41
N GLU A 232 -5.86 -28.67 1.93
CA GLU A 232 -6.40 -29.79 2.70
C GLU A 232 -6.58 -31.03 1.85
N ASP A 233 -6.23 -32.19 2.41
CA ASP A 233 -6.38 -33.45 1.73
C ASP A 233 -5.83 -33.37 0.31
N GLY A 234 -4.57 -32.99 0.20
CA GLY A 234 -3.86 -33.02 -1.07
C GLY A 234 -4.33 -32.01 -2.10
N GLN A 235 -5.29 -31.16 -1.74
CA GLN A 235 -5.76 -30.13 -2.68
C GLN A 235 -6.12 -28.80 -2.00
N CYS A 236 -6.17 -27.74 -2.81
CA CYS A 236 -6.32 -26.38 -2.30
C CYS A 236 -7.77 -25.98 -2.18
N VAL A 237 -8.28 -25.88 -0.95
CA VAL A 237 -9.71 -25.59 -0.72
C VAL A 237 -10.02 -24.11 -0.46
N PRO A 238 -10.70 -23.43 -1.42
CA PRO A 238 -10.96 -22.01 -1.27
C PRO A 238 -11.59 -21.72 0.04
N PHE A 239 -11.13 -20.70 0.74
CA PHE A 239 -11.85 -20.28 1.93
C PHE A 239 -13.30 -20.11 1.53
N ASP A 240 -14.20 -20.71 2.30
CA ASP A 240 -15.63 -20.62 2.01
C ASP A 240 -16.29 -19.52 2.79
N THR A 241 -17.37 -18.99 2.23
CA THR A 241 -18.05 -17.84 2.80
C THR A 241 -18.47 -18.06 4.26
N LYS A 242 -18.38 -19.31 4.72
CA LYS A 242 -18.82 -19.68 6.07
C LYS A 242 -17.83 -19.30 7.17
N THR A 243 -16.54 -19.28 6.85
CA THR A 243 -15.51 -18.82 7.83
C THR A 243 -15.02 -17.41 7.54
N SER A 244 -15.68 -16.75 6.60
CA SER A 244 -15.34 -15.38 6.26
C SER A 244 -15.91 -14.42 7.28
N VAL A 245 -15.24 -13.29 7.45
CA VAL A 245 -15.75 -12.24 8.28
C VAL A 245 -17.01 -11.63 7.67
N GLN A 246 -16.99 -11.35 6.38
CA GLN A 246 -18.21 -10.95 5.67
C GLN A 246 -18.11 -11.38 4.23
N SER A 247 -19.23 -11.81 3.66
CA SER A 247 -19.26 -12.23 2.28
C SER A 247 -20.54 -11.74 1.58
N ASP A 248 -20.70 -10.42 1.59
CA ASP A 248 -21.84 -9.78 0.95
C ASP A 248 -21.69 -9.81 -0.56
N GLN A 249 -22.82 -9.72 -1.25
CA GLN A 249 -22.81 -9.67 -2.70
C GLN A 249 -22.15 -8.38 -3.09
N ALA A 250 -21.51 -8.35 -4.24
CA ALA A 250 -20.79 -7.16 -4.64
C ALA A 250 -20.86 -6.93 -6.11
N THR A 251 -21.28 -5.74 -6.48
CA THR A 251 -21.65 -5.46 -7.84
C THR A 251 -20.56 -5.88 -8.85
N ASN A 252 -19.31 -5.47 -8.60
CA ASN A 252 -18.23 -5.75 -9.55
C ASN A 252 -16.90 -6.03 -8.88
N LYS A 253 -15.87 -6.28 -9.69
CA LYS A 253 -14.60 -6.80 -9.16
C LYS A 253 -13.86 -5.69 -8.43
N GLU A 254 -13.84 -4.51 -9.04
CA GLU A 254 -13.20 -3.33 -8.45
C GLU A 254 -13.90 -2.87 -7.16
N GLU A 255 -15.18 -3.16 -7.03
CA GLU A 255 -15.90 -2.84 -5.81
C GLU A 255 -15.38 -3.70 -4.69
N CYS A 256 -15.11 -4.98 -4.97
CA CYS A 256 -14.60 -5.87 -3.93
C CYS A 256 -13.26 -5.35 -3.43
N TRP A 257 -12.43 -4.88 -4.35
CA TRP A 257 -11.09 -4.36 -4.04
C TRP A 257 -11.09 -3.22 -3.02
N LYS A 258 -12.05 -2.30 -3.18
CA LYS A 258 -12.20 -1.17 -2.26
C LYS A 258 -12.80 -1.61 -0.93
N ARG A 259 -13.64 -2.62 -0.96
CA ARG A 259 -14.32 -3.05 0.24
C ARG A 259 -13.34 -3.64 1.22
N VAL A 260 -12.32 -4.34 0.73
CA VAL A 260 -11.38 -5.02 1.64
C VAL A 260 -10.55 -4.02 2.33
N PHE A 261 -10.17 -2.97 1.63
CA PHE A 261 -9.37 -1.98 2.25
C PHE A 261 -10.11 -1.41 3.43
N ALA A 262 -11.40 -1.13 3.25
CA ALA A 262 -12.16 -0.30 4.21
C ALA A 262 -12.93 -1.09 5.25
N ASN A 263 -13.12 -2.40 5.04
CA ASN A 263 -14.02 -3.17 5.90
C ASN A 263 -13.64 -3.05 7.36
N PRO A 264 -14.63 -3.13 8.27
CA PRO A 264 -14.41 -2.78 9.67
C PRO A 264 -13.45 -3.68 10.46
N LEU A 265 -12.93 -4.77 9.89
CA LEU A 265 -11.95 -5.63 10.61
C LEU A 265 -10.52 -5.67 10.00
N VAL A 266 -10.28 -4.86 8.97
CA VAL A 266 -8.96 -4.82 8.33
C VAL A 266 -7.92 -4.37 9.32
N ALA A 267 -6.74 -4.96 9.26
CA ALA A 267 -5.63 -4.55 10.10
C ALA A 267 -5.54 -3.03 10.13
N SER A 268 -5.62 -2.43 11.32
CA SER A 268 -5.52 -0.99 11.42
C SER A 268 -5.04 -0.51 12.78
N ASP A 269 -4.16 0.47 12.79
CA ASP A 269 -3.58 0.94 14.04
C ASP A 269 -4.27 2.20 14.64
N ALA A 270 -5.40 2.62 14.11
CA ALA A 270 -6.08 3.80 14.65
C ALA A 270 -6.58 3.57 16.10
N PRO A 271 -6.60 4.63 16.93
CA PRO A 271 -6.91 4.57 18.38
C PRO A 271 -8.39 4.41 18.72
N THR A 272 -8.73 3.36 19.48
CA THR A 272 -10.14 3.08 19.85
C THR A 272 -10.51 3.88 21.10
N THR A 273 -11.82 3.96 21.38
CA THR A 273 -12.34 4.55 22.64
C THR A 273 -13.87 4.76 22.57
N SER A 292 -3.39 5.01 24.20
CA SER A 292 -4.11 4.08 23.33
C SER A 292 -3.52 4.03 21.91
N SER A 293 -2.29 3.55 21.79
CA SER A 293 -1.66 3.30 20.49
C SER A 293 -1.72 1.82 20.14
N PRO A 294 -2.82 1.37 19.52
CA PRO A 294 -3.01 -0.01 19.11
C PRO A 294 -2.11 -0.39 17.97
N LYS A 295 -1.61 -1.62 18.00
CA LYS A 295 -0.73 -2.08 16.96
C LYS A 295 -1.23 -3.42 16.48
N SER A 296 -1.61 -3.46 15.21
CA SER A 296 -2.29 -4.62 14.63
C SER A 296 -1.30 -5.69 14.20
N GLY A 297 -0.06 -5.27 13.95
CA GLY A 297 0.97 -6.16 13.45
C GLY A 297 0.61 -6.74 12.10
N GLY A 298 -0.40 -6.15 11.44
CA GLY A 298 -0.91 -6.64 10.15
C GLY A 298 -2.07 -7.62 10.26
N PHE A 299 -2.48 -7.93 11.48
CA PHE A 299 -3.47 -8.96 11.65
C PHE A 299 -4.84 -8.37 11.44
N GLY A 300 -5.62 -8.97 10.53
CA GLY A 300 -7.01 -8.60 10.30
C GLY A 300 -7.62 -9.14 9.01
N ALA A 301 -8.87 -8.79 8.77
CA ALA A 301 -9.51 -9.18 7.54
C ALA A 301 -8.88 -8.41 6.40
N ASN A 302 -7.83 -8.98 5.82
CA ASN A 302 -7.05 -8.33 4.78
C ASN A 302 -7.10 -8.98 3.41
N TRP A 303 -7.59 -10.22 3.35
CA TRP A 303 -7.64 -10.97 2.10
C TRP A 303 -9.08 -11.14 1.68
N ALA A 304 -9.35 -11.06 0.39
CA ALA A 304 -10.70 -11.33 -0.04
C ALA A 304 -10.74 -12.10 -1.36
N ASN A 305 -11.78 -12.93 -1.50
CA ASN A 305 -12.05 -13.65 -2.71
C ASN A 305 -13.23 -13.02 -3.38
N PHE A 306 -13.12 -12.85 -4.69
CA PHE A 306 -14.21 -12.38 -5.50
C PHE A 306 -14.54 -13.50 -6.45
N TYR A 307 -15.80 -13.88 -6.50
CA TYR A 307 -16.19 -15.01 -7.33
C TYR A 307 -17.70 -15.09 -7.53
N LEU A 308 -18.09 -15.80 -8.59
CA LEU A 308 -19.50 -16.01 -8.91
C LEU A 308 -20.00 -17.30 -8.28
N GLU A 309 -20.90 -17.16 -7.31
CA GLU A 309 -21.59 -18.31 -6.70
C GLU A 309 -22.28 -19.14 -7.78
N LYS A 310 -22.08 -20.45 -7.72
CA LYS A 310 -22.86 -21.39 -8.54
C LYS A 310 -24.30 -21.39 -8.10
N GLU A 311 -24.51 -21.25 -6.79
CA GLU A 311 -25.84 -21.03 -6.25
C GLU A 311 -26.33 -19.75 -6.91
N SER A 312 -27.55 -19.31 -6.59
CA SER A 312 -28.12 -18.17 -7.30
C SER A 312 -26.98 -17.20 -7.63
N GLY A 313 -26.76 -17.02 -8.93
CA GLY A 313 -25.50 -16.49 -9.46
C GLY A 313 -25.31 -15.01 -9.17
N GLU A 314 -25.08 -14.70 -7.90
CA GLU A 314 -24.79 -13.36 -7.44
C GLU A 314 -23.31 -13.34 -7.07
N THR A 315 -22.58 -12.36 -7.58
CA THR A 315 -21.15 -12.26 -7.30
C THR A 315 -20.98 -11.94 -5.83
N ILE A 316 -19.97 -12.54 -5.22
CA ILE A 316 -19.71 -12.38 -3.81
C ILE A 316 -18.29 -11.85 -3.61
N CYS A 317 -18.16 -10.96 -2.64
CA CYS A 317 -16.87 -10.52 -2.12
C CYS A 317 -16.70 -11.15 -0.74
N ALA A 318 -15.67 -11.99 -0.57
CA ALA A 318 -15.51 -12.82 0.62
C ALA A 318 -14.26 -12.47 1.45
N ILE A 319 -14.40 -11.50 2.33
CA ILE A 319 -13.32 -11.05 3.19
C ILE A 319 -12.95 -12.11 4.23
N PHE A 320 -11.65 -12.44 4.33
CA PHE A 320 -11.15 -13.41 5.30
C PHE A 320 -10.06 -12.83 6.15
N ASP A 321 -9.87 -13.39 7.33
CA ASP A 321 -8.71 -13.06 8.20
C ASP A 321 -7.70 -14.23 8.31
N GLN A 322 -7.89 -15.27 7.53
CA GLN A 322 -7.04 -16.41 7.60
C GLN A 322 -5.93 -16.23 6.57
N VAL A 323 -4.66 -16.41 6.98
CA VAL A 323 -3.53 -16.32 6.03
C VAL A 323 -3.58 -17.48 5.06
N PRO A 324 -3.79 -17.19 3.77
CA PRO A 324 -3.81 -18.26 2.80
C PRO A 324 -2.45 -18.90 2.65
N ASP A 325 -2.44 -20.19 2.34
CA ASP A 325 -1.21 -20.90 2.07
C ASP A 325 -1.29 -21.69 0.76
N CYS A 326 -2.25 -21.34 -0.08
CA CYS A 326 -2.27 -21.83 -1.46
C CYS A 326 -3.29 -21.06 -2.29
N PHE A 327 -3.25 -21.28 -3.60
CA PHE A 327 -4.21 -20.71 -4.52
C PHE A 327 -4.98 -21.79 -5.30
N ALA A 328 -6.30 -21.76 -5.17
CA ALA A 328 -7.19 -22.57 -6.00
C ALA A 328 -7.46 -21.80 -7.30
N PRO A 329 -6.96 -22.32 -8.44
CA PRO A 329 -7.17 -21.65 -9.74
C PRO A 329 -8.57 -21.87 -10.27
N ILE A 330 -9.22 -20.79 -10.73
CA ILE A 330 -10.60 -20.84 -11.24
C ILE A 330 -10.88 -19.76 -12.28
N THR A 331 -11.48 -20.13 -13.42
CA THR A 331 -11.70 -19.17 -14.48
C THR A 331 -12.49 -18.02 -13.94
N GLY A 332 -12.12 -16.81 -14.34
CA GLY A 332 -12.89 -15.56 -14.05
C GLY A 332 -12.98 -15.10 -12.58
N ALA A 333 -12.03 -15.53 -11.75
CA ALA A 333 -12.06 -15.24 -10.32
C ALA A 333 -10.97 -14.25 -10.02
N VAL A 334 -11.09 -13.57 -8.89
CA VAL A 334 -10.05 -12.64 -8.45
C VAL A 334 -9.88 -12.66 -6.95
N ALA A 335 -8.63 -12.78 -6.52
CA ALA A 335 -8.25 -12.73 -5.12
C ALA A 335 -7.45 -11.44 -4.81
N TYR A 336 -8.02 -10.61 -3.94
CA TYR A 336 -7.55 -9.27 -3.66
C TYR A 336 -7.07 -9.20 -2.25
N THR A 337 -6.16 -8.28 -1.97
CA THR A 337 -5.80 -7.98 -0.57
C THR A 337 -5.85 -6.48 -0.30
N ALA A 338 -6.06 -6.14 0.96
CA ALA A 338 -6.14 -4.76 1.40
C ALA A 338 -4.88 -3.94 1.08
N LEU A 339 -3.73 -4.58 0.84
CA LEU A 339 -2.48 -3.87 0.48
C LEU A 339 -2.31 -3.58 -1.02
N GLY A 340 -2.95 -4.36 -1.85
CA GLY A 340 -2.48 -4.55 -3.21
C GLY A 340 -3.17 -3.67 -4.20
N SER A 341 -2.71 -3.76 -5.44
CA SER A 341 -3.24 -2.96 -6.53
C SER A 341 -4.59 -3.49 -6.90
N SER A 342 -5.25 -2.84 -7.83
CA SER A 342 -6.50 -3.40 -8.37
C SER A 342 -6.23 -4.21 -9.61
N THR A 343 -5.03 -4.06 -10.18
CA THR A 343 -4.69 -4.71 -11.44
C THR A 343 -4.45 -6.17 -11.21
N GLU A 344 -5.16 -6.98 -11.99
CA GLU A 344 -5.08 -8.42 -11.94
C GLU A 344 -3.76 -8.89 -12.58
N VAL A 345 -3.39 -10.14 -12.30
CA VAL A 345 -2.11 -10.70 -12.74
C VAL A 345 -2.16 -12.22 -12.56
N ASN A 346 -1.48 -12.94 -13.44
CA ASN A 346 -1.56 -14.40 -13.50
C ASN A 346 -0.86 -15.08 -12.36
N LEU A 347 -1.33 -16.28 -12.03
CA LEU A 347 -0.55 -17.20 -11.19
C LEU A 347 0.67 -17.74 -11.93
N PRO A 348 1.68 -18.19 -11.17
CA PRO A 348 2.73 -18.96 -11.80
C PRO A 348 2.20 -20.31 -12.25
N GLN A 349 2.54 -20.67 -13.48
CA GLN A 349 2.04 -21.91 -14.06
C GLN A 349 3.05 -23.04 -13.83
N CYS A 350 4.33 -22.71 -13.67
CA CYS A 350 5.38 -23.70 -13.45
C CYS A 350 6.64 -23.12 -12.76
N ASP A 351 7.53 -23.99 -12.30
CA ASP A 351 8.80 -23.55 -11.73
C ASP A 351 9.92 -23.84 -12.73
N SER A 352 10.50 -22.78 -13.28
CA SER A 352 11.57 -22.94 -14.25
C SER A 352 12.56 -24.00 -13.79
N ALA A 353 13.10 -23.80 -12.60
CA ALA A 353 14.15 -24.68 -12.08
C ALA A 353 13.77 -26.17 -12.09
N SER A 354 12.51 -26.48 -11.77
CA SER A 354 12.10 -27.88 -11.51
C SER A 354 11.37 -28.52 -12.68
N PHE A 355 10.88 -27.70 -13.59
CA PHE A 355 9.89 -28.16 -14.55
C PHE A 355 10.51 -28.77 -15.78
N ILE A 356 10.26 -30.05 -16.00
CA ILE A 356 10.80 -30.75 -17.18
C ILE A 356 9.98 -30.42 -18.43
N PRO A 357 10.64 -29.91 -19.48
CA PRO A 357 9.87 -29.61 -20.67
C PRO A 357 9.16 -30.86 -21.24
N ILE A 358 7.88 -30.72 -21.55
CA ILE A 358 7.11 -31.85 -22.04
C ILE A 358 6.81 -31.67 -23.50
N GLU A 359 7.05 -32.72 -24.27
CA GLU A 359 6.90 -32.70 -25.71
C GLU A 359 5.67 -33.49 -26.06
N GLY A 360 4.74 -32.86 -26.74
CA GLY A 360 3.51 -33.51 -27.14
C GLY A 360 3.77 -34.52 -28.24
N PRO A 361 2.80 -35.37 -28.51
CA PRO A 361 2.90 -36.44 -29.48
C PRO A 361 3.34 -35.87 -30.80
N CYS A 362 4.24 -36.52 -31.52
CA CYS A 362 4.62 -35.98 -32.80
C CYS A 362 3.62 -36.36 -33.89
N ASN A 363 2.77 -35.40 -34.26
CA ASN A 363 1.78 -35.59 -35.34
C ASN A 363 2.00 -34.57 -36.46
N ASN A 364 2.01 -35.04 -37.72
CA ASN A 364 2.33 -34.20 -38.89
C ASN A 364 3.84 -33.90 -38.94
N CYS A 365 4.61 -34.64 -38.14
CA CYS A 365 6.05 -34.41 -37.97
C CYS A 365 6.34 -33.17 -37.12
N VAL A 366 5.27 -32.53 -36.62
CA VAL A 366 5.38 -31.38 -35.73
C VAL A 366 4.73 -31.70 -34.41
N GLN A 367 5.34 -31.21 -33.34
CA GLN A 367 4.78 -31.33 -32.00
C GLN A 367 4.88 -29.99 -31.29
N VAL A 368 3.89 -29.69 -30.45
CA VAL A 368 4.01 -28.56 -29.52
C VAL A 368 4.98 -28.97 -28.42
N VAL A 369 5.87 -28.06 -28.03
CA VAL A 369 6.81 -28.34 -26.94
C VAL A 369 6.68 -27.28 -25.88
N THR A 370 6.54 -27.71 -24.62
CA THR A 370 6.16 -26.82 -23.52
C THR A 370 7.27 -26.60 -22.49
N GLU A 371 7.56 -25.33 -22.19
CA GLU A 371 8.67 -24.96 -21.32
C GLU A 371 8.26 -23.96 -20.25
N CYS A 372 9.22 -23.63 -19.38
CA CYS A 372 8.97 -22.75 -18.27
C CYS A 372 9.93 -21.58 -18.25
N VAL A 373 9.86 -20.74 -19.28
CA VAL A 373 10.43 -19.41 -19.20
C VAL A 373 9.63 -18.57 -18.21
N GLY A 374 10.32 -17.97 -17.22
CA GLY A 374 9.70 -17.12 -16.22
C GLY A 374 8.36 -17.62 -15.69
N ASN A 375 8.36 -18.85 -15.17
CA ASN A 375 7.21 -19.45 -14.45
C ASN A 375 5.87 -19.44 -15.18
N GLN A 376 5.93 -19.46 -16.50
CA GLN A 376 4.75 -19.51 -17.35
C GLN A 376 5.00 -20.55 -18.42
N PHE A 377 3.93 -21.16 -18.94
CA PHE A 377 4.08 -22.12 -20.04
C PHE A 377 4.24 -21.36 -21.34
N ASP A 378 5.40 -21.43 -21.97
CA ASP A 378 5.50 -21.07 -23.38
C ASP A 378 5.48 -22.35 -24.19
N GLN A 379 4.38 -22.56 -24.91
CA GLN A 379 4.33 -23.63 -25.90
C GLN A 379 4.87 -23.16 -27.25
N THR A 380 5.98 -23.75 -27.67
CA THR A 380 6.48 -23.48 -29.01
C THR A 380 6.61 -24.77 -29.81
N SER A 381 5.93 -24.79 -30.96
CA SER A 381 5.75 -25.99 -31.77
C SER A 381 7.00 -26.35 -32.58
N LYS A 382 7.45 -27.59 -32.46
CA LYS A 382 8.67 -28.01 -33.12
C LYS A 382 8.39 -29.19 -34.01
N ALA A 383 9.32 -29.49 -34.91
CA ALA A 383 9.15 -30.62 -35.82
C ALA A 383 10.11 -31.75 -35.47
N CYS A 384 9.55 -32.88 -35.06
CA CYS A 384 10.38 -34.00 -34.65
C CYS A 384 11.14 -34.57 -35.84
N CYS A 385 10.52 -34.53 -37.02
CA CYS A 385 11.13 -35.09 -38.22
C CYS A 385 11.27 -34.03 -39.30
N ASP B 5 -5.58 17.85 27.14
CA ASP B 5 -6.86 18.02 26.40
C ASP B 5 -7.29 16.80 25.55
N ILE B 6 -8.10 17.09 24.53
CA ILE B 6 -8.45 16.15 23.47
C ILE B 6 -7.20 15.80 22.66
N ALA B 7 -6.36 16.81 22.44
CA ALA B 7 -5.12 16.72 21.66
C ALA B 7 -4.15 15.64 22.18
N GLN B 8 -4.45 15.05 23.33
CA GLN B 8 -3.90 13.76 23.72
C GLN B 8 -4.23 12.76 22.63
N PHE B 9 -5.48 12.78 22.19
CA PHE B 9 -6.04 11.86 21.19
C PHE B 9 -5.49 12.14 19.78
N LEU B 10 -5.14 13.39 19.50
CA LEU B 10 -4.65 13.77 18.16
C LEU B 10 -3.22 13.35 17.92
N THR B 11 -2.38 13.47 18.93
CA THR B 11 -1.03 12.92 18.82
C THR B 11 -1.15 11.43 18.66
N ASP B 12 -2.12 10.87 19.37
CA ASP B 12 -2.41 9.45 19.34
C ASP B 12 -3.14 9.02 18.06
N SER B 13 -3.31 9.96 17.14
CA SER B 13 -3.85 9.69 15.82
C SER B 13 -2.80 9.91 14.76
N GLY B 14 -1.58 10.20 15.18
CA GLY B 14 -0.46 10.40 14.26
C GLY B 14 -0.05 11.83 14.04
N MET B 15 -0.67 12.76 14.76
CA MET B 15 -0.36 14.18 14.59
C MET B 15 0.93 14.51 15.31
N LYS B 16 1.80 15.21 14.60
CA LYS B 16 3.09 15.60 15.11
C LYS B 16 3.44 16.98 14.57
N ALA B 17 3.85 17.89 15.46
CA ALA B 17 4.27 19.21 15.03
C ALA B 17 5.67 19.13 14.40
N ILE B 18 5.73 19.44 13.12
CA ILE B 18 6.95 19.33 12.35
C ILE B 18 8.03 20.26 12.91
N GLU B 19 9.28 20.01 12.53
CA GLU B 19 10.37 20.94 12.82
C GLU B 19 10.51 21.87 11.60
N ASP B 20 11.04 23.08 11.81
CA ASP B 20 11.14 24.11 10.75
C ASP B 20 11.84 23.64 9.45
N CYS B 21 12.91 22.85 9.60
CA CYS B 21 13.74 22.50 8.45
C CYS B 21 13.92 21.00 8.25
N SER B 22 14.47 20.66 7.10
CA SER B 22 14.90 19.31 6.80
C SER B 22 16.28 19.36 6.11
N TRP B 23 17.09 18.32 6.29
CA TRP B 23 18.23 18.11 5.40
C TRP B 23 18.05 16.83 4.60
N ASN B 24 18.28 16.91 3.29
CA ASN B 24 18.21 15.74 2.42
C ASN B 24 19.51 15.48 1.65
N PRO B 25 20.17 14.35 1.91
CA PRO B 25 21.44 14.06 1.26
C PRO B 25 21.32 13.73 -0.21
N ILE B 26 20.11 13.42 -0.70
CA ILE B 26 19.97 13.13 -2.11
C ILE B 26 20.09 14.44 -2.86
N MET B 27 19.51 15.48 -2.30
CA MET B 27 19.65 16.81 -2.87
C MET B 27 20.68 17.61 -2.14
N GLN B 28 21.01 17.19 -0.93
CA GLN B 28 22.07 17.85 -0.18
C GLN B 28 21.79 19.32 -0.01
N GLN B 29 20.55 19.63 0.36
CA GLN B 29 20.16 21.00 0.64
C GLN B 29 19.36 20.98 1.90
N MET B 30 19.22 22.14 2.50
CA MET B 30 18.34 22.27 3.64
C MET B 30 17.06 22.88 3.17
N ALA B 31 15.95 22.25 3.51
CA ALA B 31 14.65 22.75 3.16
C ALA B 31 13.99 23.25 4.40
N CYS B 32 13.48 24.47 4.36
CA CYS B 32 12.83 25.06 5.52
C CYS B 32 11.46 25.62 5.22
N VAL B 33 10.63 25.69 6.27
CA VAL B 33 9.25 26.15 6.16
C VAL B 33 9.30 27.62 5.82
N VAL B 34 8.58 28.02 4.79
CA VAL B 34 8.57 29.43 4.39
C VAL B 34 7.49 30.21 5.18
#